data_7NQD
#
_entry.id   7NQD
#
_cell.length_a   97.380
_cell.length_b   97.380
_cell.length_c   109.040
_cell.angle_alpha   90.000
_cell.angle_beta   90.000
_cell.angle_gamma   120.000
#
_symmetry.space_group_name_H-M   'P 65'
#
_entity_poly.entity_id   1
_entity_poly.type   'polypeptide(L)'
_entity_poly.pdbx_seq_one_letter_code
;KAPSQNAIKRFMTLFSGREDVFSIQYEGGYRPIRRPLNFQDIKNHFSGKKTLGIYLLKKNDTVKFAAYDIDIKKHYLNRE
DKFVYEENSKKVAKRLSRELNLENITHYFEFTGNRGYHIWIFFDIPVSAYKIKYIMEKILDRIELEEGIDVEIFPKQTSL
NGGLGNLIKVPLGVHKKTGKKCLFVDNDFNVIENQIEFLNNIKENKATEINKLFREIFNEND
;
_entity_poly.pdbx_strand_id   A,B
#
# COMPACT_ATOMS: atom_id res chain seq x y z
N GLN A 5 21.93 -7.88 28.28
CA GLN A 5 20.71 -8.40 28.89
C GLN A 5 19.61 -7.34 28.84
N ASN A 6 19.76 -6.29 29.66
CA ASN A 6 18.80 -5.19 29.59
C ASN A 6 18.94 -4.43 28.29
N ALA A 7 20.15 -4.39 27.72
CA ALA A 7 20.31 -3.79 26.40
C ALA A 7 19.62 -4.63 25.35
N ILE A 8 19.66 -5.95 25.49
CA ILE A 8 18.95 -6.84 24.57
C ILE A 8 17.45 -6.59 24.65
N LYS A 9 16.91 -6.50 25.87
CA LYS A 9 15.47 -6.27 26.01
C LYS A 9 15.07 -4.89 25.49
N ARG A 10 15.91 -3.88 25.72
CA ARG A 10 15.59 -2.56 25.20
C ARG A 10 15.63 -2.54 23.69
N PHE A 11 16.65 -3.18 23.09
CA PHE A 11 16.70 -3.29 21.63
C PHE A 11 15.45 -3.98 21.09
N MET A 12 14.96 -4.99 21.80
CA MET A 12 13.74 -5.66 21.36
C MET A 12 12.54 -4.74 21.44
N THR A 13 12.43 -3.96 22.51
CA THR A 13 11.25 -3.12 22.69
C THR A 13 11.26 -1.95 21.70
N LEU A 14 12.43 -1.36 21.45
CA LEU A 14 12.51 -0.23 20.52
C LEU A 14 12.26 -0.66 19.09
N PHE A 15 12.94 -1.72 18.64
CA PHE A 15 12.82 -2.20 17.27
C PHE A 15 11.88 -3.40 17.18
N SER A 16 10.64 -3.16 17.61
CA SER A 16 9.60 -4.20 17.57
C SER A 16 8.89 -4.14 16.22
N GLY A 17 9.02 -5.21 15.45
CA GLY A 17 8.33 -5.31 14.18
C GLY A 17 7.32 -6.45 14.19
N ARG A 18 7.31 -7.26 13.15
CA ARG A 18 6.41 -8.41 13.13
C ARG A 18 6.83 -9.42 14.18
N GLU A 19 5.84 -9.94 14.91
CA GLU A 19 6.08 -10.88 16.00
C GLU A 19 6.25 -12.32 15.54
N ASP A 20 6.16 -12.59 14.24
CA ASP A 20 6.17 -13.97 13.74
C ASP A 20 7.27 -14.23 12.73
N VAL A 21 7.74 -13.21 12.00
CA VAL A 21 8.74 -13.39 10.95
C VAL A 21 9.74 -12.24 11.04
N PHE A 22 11.04 -12.58 10.91
CA PHE A 22 12.08 -11.57 10.72
C PHE A 22 12.93 -11.96 9.51
N SER A 23 14.11 -11.36 9.36
CA SER A 23 14.96 -11.72 8.24
C SER A 23 16.42 -11.57 8.64
N ILE A 24 17.29 -12.30 7.92
CA ILE A 24 18.73 -12.26 8.13
C ILE A 24 19.41 -11.87 6.83
N GLN A 25 20.44 -11.04 6.92
CA GLN A 25 21.13 -10.52 5.75
C GLN A 25 22.17 -11.51 5.24
N TYR A 26 22.16 -11.77 3.93
CA TYR A 26 23.23 -12.50 3.27
C TYR A 26 23.60 -11.74 2.00
N GLU A 27 24.63 -12.24 1.29
CA GLU A 27 25.21 -11.51 0.17
C GLU A 27 24.18 -11.20 -0.91
N GLY A 28 23.11 -11.98 -1.00
CA GLY A 28 22.09 -11.79 -1.99
C GLY A 28 20.83 -11.09 -1.52
N GLY A 29 20.83 -10.56 -0.29
CA GLY A 29 19.66 -9.84 0.19
C GLY A 29 19.32 -10.14 1.62
N TYR A 30 18.02 -10.34 1.89
CA TYR A 30 17.53 -10.66 3.22
C TYR A 30 16.63 -11.87 3.10
N ARG A 31 17.00 -12.94 3.78
CA ARG A 31 16.25 -14.20 3.79
C ARG A 31 15.29 -14.20 4.96
N PRO A 32 14.00 -14.43 4.73
CA PRO A 32 13.02 -14.43 5.82
C PRO A 32 13.16 -15.68 6.69
N ILE A 33 13.19 -15.47 8.00
CA ILE A 33 13.13 -16.52 8.99
C ILE A 33 11.75 -16.44 9.63
N ARG A 34 10.95 -17.48 9.42
CA ARG A 34 9.54 -17.43 9.77
C ARG A 34 9.31 -18.12 11.11
N ARG A 35 9.74 -17.42 12.16
CA ARG A 35 9.54 -17.79 13.55
C ARG A 35 9.77 -16.53 14.38
N PRO A 36 9.20 -16.45 15.58
CA PRO A 36 9.41 -15.24 16.39
C PRO A 36 10.88 -15.02 16.72
N LEU A 37 11.27 -13.76 16.72
CA LEU A 37 12.65 -13.38 17.03
C LEU A 37 12.94 -13.61 18.51
N ASN A 38 14.05 -14.28 18.80
CA ASN A 38 14.46 -14.55 20.18
C ASN A 38 15.73 -13.76 20.50
N PHE A 39 16.18 -13.91 21.75
CA PHE A 39 17.30 -13.10 22.24
C PHE A 39 18.64 -13.57 21.66
N GLN A 40 18.79 -14.86 21.38
CA GLN A 40 20.02 -15.33 20.75
C GLN A 40 20.18 -14.72 19.37
N ASP A 41 19.08 -14.41 18.69
CA ASP A 41 19.18 -13.71 17.41
C ASP A 41 19.73 -12.30 17.61
N ILE A 42 19.34 -11.63 18.70
CA ILE A 42 19.88 -10.31 18.99
C ILE A 42 21.36 -10.39 19.31
N LYS A 43 21.76 -11.44 20.04
CA LYS A 43 23.17 -11.64 20.35
C LYS A 43 23.97 -11.94 19.09
N ASN A 44 23.38 -12.67 18.14
CA ASN A 44 24.06 -12.91 16.87
C ASN A 44 24.13 -11.63 16.04
N HIS A 45 23.14 -10.76 16.16
CA HIS A 45 23.19 -9.46 15.48
C HIS A 45 24.32 -8.60 16.04
N PHE A 46 24.42 -8.53 17.37
CA PHE A 46 25.46 -7.69 17.97
C PHE A 46 26.85 -8.25 17.71
N SER A 47 27.02 -9.58 17.81
CA SER A 47 28.31 -10.20 17.56
C SER A 47 28.73 -10.06 16.10
N GLY A 48 27.77 -9.97 15.19
CA GLY A 48 28.06 -9.88 13.77
C GLY A 48 27.91 -11.17 12.99
N LYS A 49 27.35 -12.21 13.60
CA LYS A 49 27.19 -13.49 12.90
C LYS A 49 25.95 -13.48 12.01
N LYS A 50 24.82 -13.02 12.55
CA LYS A 50 23.55 -12.97 11.81
C LYS A 50 22.99 -11.55 11.89
N THR A 51 23.24 -10.74 10.86
CA THR A 51 22.72 -9.38 10.84
C THR A 51 21.22 -9.39 10.58
N LEU A 52 20.47 -8.61 11.36
CA LEU A 52 19.02 -8.65 11.37
C LEU A 52 18.41 -7.61 10.45
N GLY A 53 17.31 -7.99 9.81
CA GLY A 53 16.45 -7.06 9.10
C GLY A 53 15.02 -7.22 9.58
N ILE A 54 14.44 -6.18 10.16
CA ILE A 54 13.14 -6.27 10.83
C ILE A 54 12.05 -5.79 9.89
N TYR A 55 10.98 -6.58 9.80
CA TYR A 55 9.74 -6.19 9.10
C TYR A 55 8.94 -5.31 10.05
N LEU A 56 8.96 -4.00 9.81
CA LEU A 56 8.41 -3.04 10.77
C LEU A 56 6.89 -2.99 10.78
N LEU A 57 6.23 -3.43 9.71
CA LEU A 57 4.77 -3.37 9.64
C LEU A 57 4.18 -4.58 10.35
N LYS A 58 3.51 -4.34 11.48
CA LYS A 58 2.90 -5.42 12.25
C LYS A 58 1.63 -5.90 11.56
N LYS A 59 0.99 -6.91 12.16
CA LYS A 59 -0.14 -7.56 11.50
C LYS A 59 -1.39 -6.70 11.48
N ASN A 60 -1.53 -5.75 12.40
CA ASN A 60 -2.67 -4.84 12.44
C ASN A 60 -2.39 -3.51 11.73
N ASP A 61 -1.44 -3.49 10.81
CA ASP A 61 -1.09 -2.30 10.04
C ASP A 61 -0.63 -1.17 10.95
N THR A 62 0.11 -1.52 12.00
CA THR A 62 0.70 -0.54 12.91
C THR A 62 2.20 -0.75 12.97
N VAL A 63 2.91 0.29 13.43
CA VAL A 63 4.35 0.26 13.58
C VAL A 63 4.71 0.88 14.93
N LYS A 64 5.74 0.33 15.58
CA LYS A 64 6.27 0.95 16.78
C LYS A 64 7.49 1.81 16.52
N PHE A 65 8.09 1.70 15.32
CA PHE A 65 9.16 2.58 14.91
C PHE A 65 9.02 2.90 13.44
N ALA A 66 9.62 4.02 13.04
CA ALA A 66 9.63 4.48 11.66
C ALA A 66 11.00 5.08 11.36
N ALA A 67 11.26 5.36 10.07
CA ALA A 67 12.60 5.79 9.73
C ALA A 67 12.63 6.57 8.42
N TYR A 68 13.59 7.48 8.35
CA TYR A 68 14.02 8.14 7.13
C TYR A 68 15.33 7.51 6.70
N ASP A 69 15.46 7.23 5.40
CA ASP A 69 16.69 6.68 4.83
C ASP A 69 17.24 7.72 3.87
N ILE A 70 18.25 8.46 4.32
CA ILE A 70 18.92 9.44 3.49
C ILE A 70 20.13 8.75 2.86
N ASP A 71 20.11 8.56 1.54
CA ASP A 71 21.15 7.78 0.90
C ASP A 71 21.72 8.51 -0.31
N ILE A 72 23.03 8.60 -0.36
CA ILE A 72 23.73 9.18 -1.51
C ILE A 72 23.86 8.12 -2.59
N LYS A 73 23.48 8.47 -3.82
CA LYS A 73 23.60 7.55 -4.94
C LYS A 73 25.01 7.61 -5.50
N LYS A 74 25.58 6.43 -5.77
CA LYS A 74 26.97 6.32 -6.20
C LYS A 74 27.22 7.00 -7.54
N ASN A 78 32.02 7.93 -4.98
CA ASN A 78 32.74 7.30 -6.07
C ASN A 78 33.34 8.34 -7.00
N ARG A 79 33.87 9.42 -6.42
CA ARG A 79 34.54 10.48 -7.16
C ARG A 79 35.73 10.95 -6.36
N GLU A 80 36.56 11.78 -6.99
CA GLU A 80 37.66 12.41 -6.29
C GLU A 80 37.14 13.28 -5.14
N ASP A 81 36.21 14.17 -5.44
CA ASP A 81 35.54 15.01 -4.45
C ASP A 81 34.09 14.53 -4.27
N LYS A 82 33.93 13.49 -3.46
CA LYS A 82 32.62 12.96 -3.08
C LYS A 82 32.13 13.59 -1.78
N PHE A 83 33.00 14.36 -1.13
CA PHE A 83 32.68 15.01 0.12
C PHE A 83 31.50 15.96 -0.05
N VAL A 84 31.35 16.51 -1.26
CA VAL A 84 30.20 17.34 -1.57
C VAL A 84 28.91 16.56 -1.33
N TYR A 85 28.88 15.32 -1.79
CA TYR A 85 27.66 14.51 -1.69
C TYR A 85 27.46 13.97 -0.28
N GLU A 86 28.55 13.64 0.44
CA GLU A 86 28.38 13.27 1.84
C GLU A 86 27.82 14.45 2.65
N GLU A 87 28.31 15.66 2.38
CA GLU A 87 27.81 16.84 3.07
C GLU A 87 26.37 17.15 2.66
N ASN A 88 26.01 16.84 1.42
CA ASN A 88 24.62 17.00 0.98
C ASN A 88 23.70 16.06 1.75
N SER A 89 24.14 14.81 1.96
CA SER A 89 23.37 13.88 2.76
C SER A 89 23.21 14.42 4.19
N LYS A 90 24.30 14.93 4.77
CA LYS A 90 24.20 15.52 6.10
C LYS A 90 23.24 16.70 6.12
N LYS A 91 23.21 17.49 5.05
CA LYS A 91 22.32 18.63 4.98
C LYS A 91 20.86 18.20 4.97
N VAL A 92 20.53 17.22 4.12
CA VAL A 92 19.14 16.76 4.03
C VAL A 92 18.71 16.14 5.36
N ALA A 93 19.62 15.39 6.00
CA ALA A 93 19.31 14.83 7.31
C ALA A 93 19.06 15.94 8.34
N LYS A 94 19.87 16.99 8.29
CA LYS A 94 19.69 18.11 9.23
C LYS A 94 18.36 18.81 9.01
N ARG A 95 17.96 18.99 7.76
CA ARG A 95 16.68 19.64 7.47
C ARG A 95 15.51 18.79 7.97
N LEU A 96 15.53 17.49 7.68
CA LEU A 96 14.51 16.60 8.21
C LEU A 96 14.48 16.65 9.74
N SER A 97 15.66 16.68 10.36
CA SER A 97 15.75 16.75 11.81
C SER A 97 15.13 18.03 12.34
N ARG A 98 15.43 19.17 11.70
CA ARG A 98 14.86 20.43 12.16
C ARG A 98 13.35 20.42 12.10
N GLU A 99 12.78 19.92 10.99
CA GLU A 99 11.31 19.89 10.90
C GLU A 99 10.71 18.93 11.93
N LEU A 100 11.28 17.74 12.06
CA LEU A 100 10.77 16.78 13.02
C LEU A 100 10.83 17.33 14.44
N ASN A 101 11.93 18.03 14.78
CA ASN A 101 12.04 18.60 16.10
C ASN A 101 11.07 19.77 16.29
N LEU A 102 10.81 20.53 15.23
CA LEU A 102 9.81 21.59 15.32
C LEU A 102 8.42 21.02 15.54
N GLU A 103 8.18 19.76 15.16
CA GLU A 103 6.89 19.14 15.41
C GLU A 103 6.92 18.18 16.61
N ASN A 104 7.90 18.33 17.50
CA ASN A 104 7.99 17.57 18.75
C ASN A 104 8.02 16.06 18.51
N ILE A 105 8.83 15.64 17.55
CA ILE A 105 9.04 14.24 17.25
C ILE A 105 10.47 13.89 17.61
N THR A 106 10.65 13.11 18.67
CA THR A 106 11.98 12.73 19.11
C THR A 106 12.55 11.67 18.16
N HIS A 107 13.71 11.98 17.57
CA HIS A 107 14.33 11.12 16.57
C HIS A 107 15.82 11.02 16.85
N TYR A 108 16.47 10.05 16.21
CA TYR A 108 17.88 9.78 16.47
C TYR A 108 18.58 9.37 15.18
N PHE A 109 19.85 9.79 15.04
CA PHE A 109 20.62 9.55 13.83
C PHE A 109 21.46 8.28 13.95
N GLU A 110 21.63 7.59 12.82
CA GLU A 110 22.47 6.40 12.76
C GLU A 110 23.18 6.37 11.43
N PHE A 111 24.49 6.15 11.45
CA PHE A 111 25.27 6.02 10.22
C PHE A 111 25.09 4.62 9.63
N THR A 112 24.58 4.56 8.40
CA THR A 112 24.34 3.30 7.70
C THR A 112 25.57 2.86 6.91
N GLY A 113 26.72 3.45 7.18
CA GLY A 113 27.88 3.32 6.33
C GLY A 113 27.87 4.42 5.28
N ASN A 114 28.88 4.40 4.41
CA ASN A 114 29.07 5.46 3.44
C ASN A 114 27.87 5.63 2.51
N ARG A 115 26.91 4.71 2.52
CA ARG A 115 25.70 4.88 1.74
C ARG A 115 24.84 6.04 2.25
N GLY A 116 24.82 6.26 3.56
CA GLY A 116 24.02 7.36 4.08
C GLY A 116 23.72 7.30 5.57
N TYR A 117 22.52 7.75 5.93
CA TYR A 117 22.09 7.88 7.31
C TYR A 117 20.65 7.42 7.46
N HIS A 118 20.30 7.07 8.70
CA HIS A 118 18.96 6.71 9.11
C HIS A 118 18.52 7.66 10.19
N ILE A 119 17.30 8.16 10.07
CA ILE A 119 16.64 8.92 11.12
C ILE A 119 15.57 8.02 11.71
N TRP A 120 15.77 7.60 12.96
CA TRP A 120 14.87 6.67 13.64
C TRP A 120 13.88 7.44 14.50
N ILE A 121 12.61 7.03 14.42
CA ILE A 121 11.53 7.56 15.24
C ILE A 121 10.93 6.41 16.01
N PHE A 122 10.81 6.55 17.33
CA PHE A 122 10.27 5.51 18.17
C PHE A 122 8.99 5.98 18.86
N PHE A 123 8.11 5.03 19.14
CA PHE A 123 6.82 5.30 19.76
C PHE A 123 6.65 4.41 20.98
N ASP A 124 5.87 4.89 21.95
CA ASP A 124 5.62 4.11 23.16
C ASP A 124 4.72 2.92 22.88
N ILE A 125 3.65 3.12 22.11
CA ILE A 125 2.81 2.03 21.65
C ILE A 125 2.66 2.14 20.14
N PRO A 126 2.37 1.03 19.45
CA PRO A 126 2.24 1.08 17.99
C PRO A 126 1.21 2.10 17.53
N VAL A 127 1.58 2.85 16.49
CA VAL A 127 0.71 3.85 15.88
C VAL A 127 0.36 3.40 14.47
N SER A 128 -0.75 3.93 13.96
CA SER A 128 -1.20 3.57 12.62
C SER A 128 -0.14 3.96 11.59
N ALA A 129 0.16 3.02 10.68
CA ALA A 129 1.20 3.26 9.68
C ALA A 129 0.81 4.37 8.72
N TYR A 130 -0.47 4.46 8.39
CA TYR A 130 -0.95 5.51 7.50
C TYR A 130 -0.67 6.90 8.08
N LYS A 131 -0.96 7.09 9.37
CA LYS A 131 -0.78 8.41 9.96
C LYS A 131 0.68 8.83 9.96
N ILE A 132 1.58 7.94 10.38
CA ILE A 132 2.99 8.31 10.46
C ILE A 132 3.58 8.48 9.07
N LYS A 133 3.16 7.66 8.11
CA LYS A 133 3.62 7.84 6.73
C LYS A 133 3.17 9.19 6.19
N TYR A 134 1.91 9.56 6.45
CA TYR A 134 1.38 10.86 6.03
C TYR A 134 2.21 12.00 6.60
N ILE A 135 2.44 11.96 7.92
CA ILE A 135 3.24 12.99 8.57
C ILE A 135 4.62 13.09 7.94
N MET A 136 5.28 11.94 7.73
CA MET A 136 6.65 11.97 7.24
C MET A 136 6.73 12.46 5.80
N GLU A 137 5.78 12.08 4.96
CA GLU A 137 5.84 12.57 3.58
C GLU A 137 5.51 14.06 3.50
N LYS A 138 4.62 14.58 4.35
CA LYS A 138 4.43 16.02 4.38
C LYS A 138 5.71 16.74 4.80
N ILE A 139 6.37 16.24 5.85
CA ILE A 139 7.62 16.84 6.30
C ILE A 139 8.67 16.80 5.20
N LEU A 140 8.72 15.69 4.46
CA LEU A 140 9.65 15.60 3.33
C LEU A 140 9.29 16.61 2.24
N ASP A 141 8.00 16.79 1.99
CA ASP A 141 7.56 17.76 0.99
C ASP A 141 7.90 19.19 1.39
N ARG A 142 8.13 19.45 2.68
CA ARG A 142 8.47 20.81 3.08
C ARG A 142 9.92 21.19 2.75
N ILE A 143 10.84 20.23 2.75
CA ILE A 143 12.26 20.54 2.65
C ILE A 143 12.73 20.42 1.22
N GLU A 144 13.89 21.00 0.92
CA GLU A 144 14.53 20.85 -0.37
C GLU A 144 15.61 19.78 -0.28
N LEU A 145 15.69 18.95 -1.31
CA LEU A 145 16.70 17.91 -1.36
C LEU A 145 17.94 18.44 -2.09
N GLU A 146 19.02 17.67 -2.02
CA GLU A 146 20.26 18.05 -2.68
C GLU A 146 20.61 17.03 -3.75
N GLU A 147 21.57 17.40 -4.60
CA GLU A 147 21.93 16.59 -5.75
C GLU A 147 22.56 15.27 -5.29
N GLY A 148 22.04 14.16 -5.83
CA GLY A 148 22.58 12.84 -5.55
C GLY A 148 22.05 12.18 -4.30
N ILE A 149 21.07 12.79 -3.62
CA ILE A 149 20.54 12.28 -2.36
C ILE A 149 19.09 11.82 -2.59
N ASP A 150 18.78 10.61 -2.14
CA ASP A 150 17.44 10.04 -2.19
C ASP A 150 16.97 9.79 -0.76
N VAL A 151 15.75 10.22 -0.46
CA VAL A 151 15.15 10.02 0.86
C VAL A 151 14.03 9.01 0.72
N GLU A 152 14.11 7.95 1.52
CA GLU A 152 13.09 6.92 1.55
C GLU A 152 12.40 6.94 2.91
N ILE A 153 11.14 6.54 2.94
CA ILE A 153 10.34 6.57 4.16
C ILE A 153 9.88 5.16 4.50
N PHE A 154 10.27 4.68 5.69
CA PHE A 154 9.76 3.44 6.26
C PHE A 154 8.77 3.76 7.35
N PRO A 155 7.54 3.22 7.31
CA PRO A 155 7.05 2.18 6.39
C PRO A 155 6.62 2.69 5.02
N LYS A 156 6.87 1.89 3.98
CA LYS A 156 6.41 2.22 2.64
C LYS A 156 5.00 1.71 2.39
N GLN A 157 4.66 0.53 2.91
CA GLN A 157 3.32 0.00 2.78
C GLN A 157 2.49 0.41 4.00
N THR A 158 1.24 0.77 3.77
CA THR A 158 0.39 1.26 4.85
C THR A 158 -0.73 0.32 5.27
N SER A 159 -1.28 -0.47 4.34
CA SER A 159 -2.35 -1.42 4.67
C SER A 159 -2.05 -2.77 4.02
N LEU A 160 -0.86 -3.31 4.32
CA LEU A 160 -0.43 -4.58 3.74
C LEU A 160 -1.01 -5.76 4.52
N ASN A 161 -2.34 -5.84 4.50
CA ASN A 161 -3.05 -6.93 5.15
C ASN A 161 -3.08 -8.18 4.28
N GLY A 162 -1.91 -8.64 3.85
CA GLY A 162 -1.81 -9.90 3.14
C GLY A 162 -0.39 -10.27 2.75
N GLY A 163 0.54 -9.34 2.93
CA GLY A 163 1.93 -9.56 2.61
C GLY A 163 2.81 -9.45 3.85
N LEU A 164 4.13 -9.58 3.62
CA LEU A 164 5.07 -9.46 4.72
C LEU A 164 5.44 -7.99 4.97
N GLY A 165 5.48 -7.19 3.91
CA GLY A 165 5.85 -5.80 4.01
C GLY A 165 7.30 -5.57 3.68
N ASN A 166 7.79 -4.41 4.11
CA ASN A 166 9.18 -4.02 3.92
C ASN A 166 9.96 -4.20 5.21
N LEU A 167 11.27 -4.39 5.05
CA LEU A 167 12.17 -4.59 6.17
C LEU A 167 13.24 -3.50 6.17
N ILE A 168 13.87 -3.33 7.33
CA ILE A 168 14.91 -2.33 7.50
C ILE A 168 16.02 -2.93 8.36
N LYS A 169 17.26 -2.61 8.01
CA LYS A 169 18.41 -3.05 8.79
C LYS A 169 18.51 -2.25 10.07
N VAL A 170 18.55 -2.94 11.20
CA VAL A 170 18.57 -2.29 12.51
C VAL A 170 20.01 -1.96 12.88
N PRO A 171 20.23 -0.96 13.75
CA PRO A 171 21.61 -0.55 14.06
C PRO A 171 22.36 -1.54 14.94
N LEU A 172 23.58 -1.17 15.33
CA LEU A 172 24.42 -1.97 16.23
C LEU A 172 24.79 -3.33 15.63
N GLY A 173 24.96 -3.38 14.31
CA GLY A 173 25.46 -4.59 13.67
C GLY A 173 26.68 -4.30 12.83
N VAL A 174 27.16 -5.30 12.10
CA VAL A 174 28.34 -5.11 11.25
C VAL A 174 27.96 -5.30 9.78
N LYS A 181 30.98 -0.56 11.59
CA LYS A 181 29.74 -0.84 12.32
C LYS A 181 28.72 0.27 12.12
N CYS A 182 27.44 -0.11 12.13
CA CYS A 182 26.32 0.83 11.98
C CYS A 182 25.95 1.35 13.37
N LEU A 183 26.34 2.59 13.66
CA LEU A 183 26.27 3.14 15.01
C LEU A 183 25.51 4.45 15.02
N PHE A 184 24.91 4.74 16.17
CA PHE A 184 24.18 5.99 16.35
C PHE A 184 25.15 7.17 16.47
N VAL A 185 24.74 8.32 15.94
CA VAL A 185 25.54 9.54 16.01
C VAL A 185 24.70 10.65 16.61
N ASP A 186 25.39 11.71 17.04
CA ASP A 186 24.76 12.82 17.73
C ASP A 186 24.32 13.90 16.73
N ASN A 187 24.05 15.11 17.22
CA ASN A 187 23.57 16.18 16.34
C ASN A 187 24.66 16.67 15.40
N ASP A 188 25.92 16.52 15.76
CA ASP A 188 27.03 16.89 14.88
C ASP A 188 27.51 15.72 14.03
N PHE A 189 26.72 14.64 13.96
CA PHE A 189 27.06 13.45 13.18
C PHE A 189 28.39 12.85 13.61
N ASN A 190 28.62 12.82 14.92
CA ASN A 190 29.80 12.20 15.49
C ASN A 190 29.39 10.93 16.24
N VAL A 191 30.25 9.92 16.16
CA VAL A 191 29.93 8.63 16.75
C VAL A 191 29.82 8.77 18.26
N ILE A 192 28.71 8.26 18.82
CA ILE A 192 28.51 8.28 20.26
C ILE A 192 29.30 7.16 20.90
N GLU A 193 29.99 7.47 21.99
CA GLU A 193 30.62 6.45 22.81
C GLU A 193 29.60 5.88 23.79
N ASN A 194 29.79 4.60 24.13
CA ASN A 194 28.86 3.86 24.98
C ASN A 194 27.44 3.91 24.41
N GLN A 195 27.29 3.24 23.26
CA GLN A 195 25.99 3.21 22.59
C GLN A 195 24.94 2.41 23.34
N ILE A 196 25.33 1.65 24.37
CA ILE A 196 24.36 0.88 25.13
C ILE A 196 23.58 1.77 26.09
N GLU A 197 24.27 2.66 26.79
CA GLU A 197 23.57 3.62 27.64
C GLU A 197 22.80 4.64 26.81
N PHE A 198 23.29 4.95 25.60
CA PHE A 198 22.47 5.70 24.66
C PHE A 198 21.20 4.96 24.31
N LEU A 199 21.32 3.68 23.96
CA LEU A 199 20.15 2.86 23.67
C LEU A 199 19.17 2.88 24.83
N ASN A 200 19.68 2.90 26.07
CA ASN A 200 18.83 2.99 27.23
C ASN A 200 18.29 4.41 27.48
N ASN A 201 18.93 5.43 26.91
CA ASN A 201 18.49 6.81 27.07
C ASN A 201 17.66 7.30 25.88
N ILE A 202 17.33 6.42 24.95
CA ILE A 202 16.45 6.79 23.85
C ILE A 202 15.04 6.99 24.39
N LYS A 203 14.42 8.11 24.04
CA LYS A 203 13.05 8.41 24.46
C LYS A 203 12.13 8.30 23.24
N GLU A 204 11.03 7.58 23.42
CA GLU A 204 10.06 7.32 22.36
C GLU A 204 8.93 8.33 22.45
N ASN A 205 8.29 8.59 21.31
CA ASN A 205 7.20 9.55 21.25
C ASN A 205 5.92 8.94 21.81
N LYS A 206 5.04 9.81 22.28
CA LYS A 206 3.75 9.40 22.83
C LYS A 206 2.74 9.27 21.71
N ALA A 207 2.08 8.12 21.63
CA ALA A 207 1.13 7.88 20.54
C ALA A 207 -0.03 8.87 20.56
N THR A 208 -0.42 9.35 21.74
CA THR A 208 -1.49 10.34 21.82
C THR A 208 -1.10 11.62 21.10
N GLU A 209 0.13 12.08 21.30
CA GLU A 209 0.56 13.31 20.65
C GLU A 209 0.78 13.11 19.15
N ILE A 210 1.19 11.91 18.74
CA ILE A 210 1.32 11.63 17.32
C ILE A 210 -0.06 11.62 16.65
N ASN A 211 -1.06 11.09 17.34
CA ASN A 211 -2.42 11.11 16.79
C ASN A 211 -2.95 12.54 16.72
N LYS A 212 -2.67 13.35 17.74
CA LYS A 212 -3.08 14.75 17.70
C LYS A 212 -2.40 15.49 16.55
N LEU A 213 -1.11 15.21 16.33
CA LEU A 213 -0.39 15.85 15.22
C LEU A 213 -0.94 15.40 13.88
N PHE A 214 -1.29 14.13 13.74
CA PHE A 214 -1.92 13.67 12.51
C PHE A 214 -3.23 14.41 12.27
N ARG A 215 -4.09 14.47 13.29
CA ARG A 215 -5.35 15.21 13.12
C ARG A 215 -5.10 16.65 12.71
N GLU A 216 -4.14 17.31 13.36
CA GLU A 216 -3.86 18.70 13.04
C GLU A 216 -3.39 18.87 11.59
N ILE A 217 -2.44 18.03 11.16
CA ILE A 217 -1.95 18.16 9.78
C ILE A 217 -2.99 17.69 8.78
N PHE A 218 -3.83 16.72 9.16
CA PHE A 218 -4.83 16.20 8.23
C PHE A 218 -5.94 17.22 7.97
N ASN A 219 -6.45 17.85 9.03
CA ASN A 219 -7.50 18.84 8.86
C ASN A 219 -6.99 20.16 8.29
N GLU A 220 -5.68 20.38 8.33
CA GLU A 220 -5.11 21.62 7.80
C GLU A 220 -4.44 21.39 6.46
N GLN B 5 -16.55 3.42 -31.62
CA GLN B 5 -15.78 4.57 -32.09
C GLN B 5 -15.43 5.48 -30.92
N ASN B 6 -16.41 6.27 -30.48
CA ASN B 6 -16.24 7.03 -29.24
C ASN B 6 -16.35 6.14 -28.03
N ALA B 7 -17.04 5.00 -28.16
CA ALA B 7 -17.15 4.05 -27.07
C ALA B 7 -15.78 3.49 -26.68
N ILE B 8 -14.87 3.35 -27.64
CA ILE B 8 -13.51 2.92 -27.31
C ILE B 8 -12.86 3.92 -26.36
N LYS B 9 -13.01 5.22 -26.63
CA LYS B 9 -12.45 6.24 -25.75
C LYS B 9 -13.14 6.24 -24.40
N ARG B 10 -14.45 5.97 -24.38
CA ARG B 10 -15.18 5.89 -23.12
C ARG B 10 -14.67 4.72 -22.27
N PHE B 11 -14.50 3.56 -22.89
CA PHE B 11 -13.93 2.41 -22.21
C PHE B 11 -12.53 2.71 -21.70
N MET B 12 -11.72 3.42 -22.49
CA MET B 12 -10.37 3.74 -22.06
C MET B 12 -10.37 4.70 -20.87
N THR B 13 -11.25 5.72 -20.88
CA THR B 13 -11.24 6.68 -19.79
C THR B 13 -11.81 6.09 -18.51
N LEU B 14 -12.85 5.25 -18.61
CA LEU B 14 -13.43 4.66 -17.40
C LEU B 14 -12.46 3.68 -16.74
N PHE B 15 -11.89 2.78 -17.52
CA PHE B 15 -10.97 1.77 -16.99
C PHE B 15 -9.52 2.20 -17.20
N SER B 16 -9.19 3.37 -16.65
CA SER B 16 -7.84 3.91 -16.73
C SER B 16 -7.04 3.39 -15.54
N GLY B 17 -6.03 2.57 -15.82
CA GLY B 17 -5.15 2.06 -14.80
C GLY B 17 -3.76 2.59 -15.03
N ARG B 18 -2.75 1.72 -14.99
CA ARG B 18 -1.40 2.16 -15.30
C ARG B 18 -1.32 2.58 -16.76
N GLU B 19 -0.70 3.72 -16.99
CA GLU B 19 -0.50 4.27 -18.32
C GLU B 19 0.72 3.67 -18.99
N ASP B 20 1.32 2.67 -18.36
CA ASP B 20 2.63 2.14 -18.71
C ASP B 20 2.61 0.67 -19.11
N VAL B 21 1.80 -0.14 -18.46
CA VAL B 21 1.75 -1.58 -18.72
C VAL B 21 0.33 -2.08 -18.51
N PHE B 22 -0.10 -3.01 -19.36
CA PHE B 22 -1.35 -3.71 -19.07
C PHE B 22 -1.10 -5.21 -19.13
N SER B 23 -2.15 -6.02 -19.19
CA SER B 23 -1.96 -7.46 -19.29
C SER B 23 -3.09 -8.07 -20.12
N ILE B 24 -2.81 -9.26 -20.66
CA ILE B 24 -3.77 -10.00 -21.46
C ILE B 24 -3.98 -11.38 -20.83
N GLN B 25 -5.22 -11.86 -20.87
CA GLN B 25 -5.55 -13.15 -20.27
C GLN B 25 -5.20 -14.28 -21.22
N TYR B 26 -4.53 -15.30 -20.68
CA TYR B 26 -4.27 -16.55 -21.39
C TYR B 26 -4.63 -17.72 -20.48
N GLU B 27 -4.54 -18.93 -21.04
CA GLU B 27 -5.06 -20.12 -20.38
C GLU B 27 -4.43 -20.34 -19.00
N GLY B 28 -3.21 -19.86 -18.80
CA GLY B 28 -2.51 -20.02 -17.54
C GLY B 28 -2.47 -18.80 -16.65
N GLY B 29 -3.21 -17.75 -16.96
CA GLY B 29 -3.20 -16.56 -16.13
C GLY B 29 -3.21 -15.27 -16.90
N TYR B 30 -2.38 -14.31 -16.50
CA TYR B 30 -2.31 -13.01 -17.16
C TYR B 30 -0.87 -12.66 -17.50
N ARG B 31 -0.62 -12.44 -18.78
CA ARG B 31 0.69 -12.06 -19.30
C ARG B 31 0.81 -10.55 -19.36
N PRO B 32 1.82 -9.95 -18.73
CA PRO B 32 1.98 -8.50 -18.82
C PRO B 32 2.48 -8.09 -20.20
N ILE B 33 1.82 -7.10 -20.77
CA ILE B 33 2.25 -6.43 -21.98
C ILE B 33 2.76 -5.06 -21.56
N ARG B 34 4.06 -4.82 -21.70
CA ARG B 34 4.70 -3.62 -21.17
C ARG B 34 4.77 -2.55 -22.26
N ARG B 35 3.61 -1.97 -22.52
CA ARG B 35 3.47 -0.82 -23.41
C ARG B 35 2.09 -0.21 -23.15
N PRO B 36 1.93 1.08 -23.44
CA PRO B 36 0.62 1.71 -23.21
C PRO B 36 -0.48 1.06 -24.03
N LEU B 37 -1.66 0.99 -23.45
CA LEU B 37 -2.82 0.40 -24.10
C LEU B 37 -3.29 1.31 -25.24
N ASN B 38 -3.51 0.73 -26.42
CA ASN B 38 -4.00 1.46 -27.57
C ASN B 38 -5.42 1.03 -27.90
N PHE B 39 -5.99 1.66 -28.94
CA PHE B 39 -7.39 1.41 -29.27
C PHE B 39 -7.58 0.05 -29.91
N GLN B 40 -6.59 -0.42 -30.67
CA GLN B 40 -6.69 -1.76 -31.26
C GLN B 40 -6.77 -2.81 -30.17
N ASP B 41 -6.16 -2.55 -29.01
CA ASP B 41 -6.29 -3.48 -27.89
C ASP B 41 -7.72 -3.53 -27.37
N ILE B 42 -8.41 -2.39 -27.31
CA ILE B 42 -9.80 -2.40 -26.89
C ILE B 42 -10.66 -3.12 -27.92
N LYS B 43 -10.35 -2.94 -29.20
CA LYS B 43 -11.11 -3.65 -30.24
C LYS B 43 -10.87 -5.15 -30.19
N ASN B 44 -9.64 -5.57 -29.84
CA ASN B 44 -9.36 -6.99 -29.66
C ASN B 44 -10.03 -7.54 -28.40
N HIS B 45 -10.17 -6.70 -27.38
CA HIS B 45 -10.92 -7.10 -26.18
C HIS B 45 -12.38 -7.34 -26.51
N PHE B 46 -12.99 -6.43 -27.27
CA PHE B 46 -14.40 -6.57 -27.61
C PHE B 46 -14.65 -7.79 -28.49
N SER B 47 -13.75 -8.05 -29.44
CA SER B 47 -13.92 -9.20 -30.33
C SER B 47 -13.81 -10.51 -29.60
N GLY B 48 -13.04 -10.54 -28.51
CA GLY B 48 -12.80 -11.75 -27.77
C GLY B 48 -11.49 -12.45 -28.07
N LYS B 49 -10.59 -11.82 -28.83
CA LYS B 49 -9.32 -12.44 -29.18
C LYS B 49 -8.30 -12.27 -28.07
N LYS B 50 -8.18 -11.05 -27.54
CA LYS B 50 -7.23 -10.74 -26.47
C LYS B 50 -8.02 -10.07 -25.33
N THR B 51 -8.37 -10.86 -24.33
CA THR B 51 -9.08 -10.34 -23.17
C THR B 51 -8.14 -9.52 -22.30
N LEU B 52 -8.60 -8.35 -21.86
CA LEU B 52 -7.74 -7.39 -21.19
C LEU B 52 -7.80 -7.55 -19.68
N GLY B 53 -6.65 -7.37 -19.03
CA GLY B 53 -6.58 -7.25 -17.59
C GLY B 53 -5.83 -5.99 -17.22
N ILE B 54 -6.51 -5.07 -16.52
CA ILE B 54 -5.97 -3.74 -16.26
C ILE B 54 -5.39 -3.69 -14.86
N TYR B 55 -4.19 -3.12 -14.76
CA TYR B 55 -3.55 -2.81 -13.47
C TYR B 55 -4.13 -1.49 -13.00
N LEU B 56 -5.03 -1.53 -12.01
CA LEU B 56 -5.79 -0.36 -11.64
C LEU B 56 -5.01 0.67 -10.83
N LEU B 57 -3.90 0.26 -10.20
CA LEU B 57 -3.12 1.18 -9.37
C LEU B 57 -2.15 1.98 -10.25
N LYS B 58 -2.38 3.28 -10.35
CA LYS B 58 -1.51 4.14 -11.15
C LYS B 58 -0.21 4.42 -10.41
N LYS B 59 0.68 5.17 -11.06
CA LYS B 59 2.04 5.33 -10.56
C LYS B 59 2.13 6.22 -9.32
N ASN B 60 1.18 7.12 -9.12
CA ASN B 60 1.16 7.96 -7.92
C ASN B 60 0.26 7.39 -6.83
N ASP B 61 0.04 6.07 -6.85
CA ASP B 61 -0.75 5.38 -5.84
C ASP B 61 -2.20 5.89 -5.79
N THR B 62 -2.76 6.19 -6.96
CA THR B 62 -4.15 6.58 -7.09
C THR B 62 -4.88 5.65 -8.05
N VAL B 63 -6.20 5.64 -7.97
CA VAL B 63 -7.04 4.81 -8.82
C VAL B 63 -8.20 5.64 -9.36
N LYS B 64 -8.58 5.38 -10.60
CA LYS B 64 -9.78 5.99 -11.18
C LYS B 64 -10.98 5.07 -11.12
N PHE B 65 -10.79 3.78 -10.86
CA PHE B 65 -11.89 2.87 -10.63
C PHE B 65 -11.50 1.87 -9.56
N ALA B 66 -12.52 1.30 -8.92
CA ALA B 66 -12.35 0.29 -7.90
C ALA B 66 -13.46 -0.75 -8.07
N ALA B 67 -13.35 -1.87 -7.35
CA ALA B 67 -14.29 -2.94 -7.59
C ALA B 67 -14.39 -3.88 -6.40
N TYR B 68 -15.59 -4.45 -6.25
CA TYR B 68 -15.85 -5.58 -5.38
C TYR B 68 -15.95 -6.83 -6.24
N ASP B 69 -15.33 -7.90 -5.78
CA ASP B 69 -15.34 -9.18 -6.50
C ASP B 69 -16.07 -10.20 -5.63
N ILE B 70 -17.34 -10.45 -5.95
CA ILE B 70 -18.13 -11.48 -5.29
C ILE B 70 -17.99 -12.77 -6.08
N ASP B 71 -17.33 -13.77 -5.51
CA ASP B 71 -17.00 -15.00 -6.23
C ASP B 71 -17.34 -16.22 -5.38
N ILE B 72 -17.96 -17.20 -6.02
CA ILE B 72 -18.30 -18.45 -5.35
C ILE B 72 -17.04 -19.30 -5.25
N LYS B 73 -16.71 -19.73 -4.02
CA LYS B 73 -15.56 -20.58 -3.77
C LYS B 73 -15.88 -22.07 -3.97
N LYS B 74 -16.81 -22.38 -4.86
CA LYS B 74 -17.29 -23.76 -5.08
C LYS B 74 -17.83 -24.38 -3.79
N GLU B 80 -23.41 -30.02 -7.74
CA GLU B 80 -24.75 -30.57 -7.69
C GLU B 80 -25.73 -29.56 -7.08
N ASP B 81 -25.36 -28.98 -5.93
CA ASP B 81 -26.12 -27.91 -5.30
C ASP B 81 -25.35 -26.61 -5.50
N LYS B 82 -25.40 -26.07 -6.72
CA LYS B 82 -24.73 -24.81 -7.01
C LYS B 82 -25.67 -23.60 -7.06
N PHE B 83 -26.96 -23.81 -7.31
CA PHE B 83 -27.88 -22.68 -7.39
C PHE B 83 -28.06 -21.98 -6.05
N VAL B 84 -28.00 -22.73 -4.94
CA VAL B 84 -28.05 -22.09 -3.63
C VAL B 84 -26.89 -21.11 -3.47
N TYR B 85 -25.69 -21.49 -3.92
CA TYR B 85 -24.55 -20.59 -3.79
C TYR B 85 -24.59 -19.46 -4.81
N GLU B 86 -25.15 -19.68 -5.99
CA GLU B 86 -25.35 -18.57 -6.92
C GLU B 86 -26.30 -17.53 -6.32
N GLU B 87 -27.37 -18.00 -5.67
CA GLU B 87 -28.29 -17.08 -5.01
C GLU B 87 -27.64 -16.41 -3.81
N ASN B 88 -26.74 -17.12 -3.12
CA ASN B 88 -26.02 -16.50 -2.01
C ASN B 88 -25.10 -15.38 -2.50
N SER B 89 -24.43 -15.61 -3.62
CA SER B 89 -23.60 -14.57 -4.23
C SER B 89 -24.45 -13.36 -4.62
N LYS B 90 -25.59 -13.61 -5.25
CA LYS B 90 -26.48 -12.51 -5.62
C LYS B 90 -26.97 -11.75 -4.39
N LYS B 91 -27.25 -12.47 -3.30
CA LYS B 91 -27.71 -11.82 -2.07
C LYS B 91 -26.63 -10.93 -1.48
N VAL B 92 -25.41 -11.45 -1.35
CA VAL B 92 -24.33 -10.64 -0.77
C VAL B 92 -24.02 -9.45 -1.66
N ALA B 93 -24.12 -9.62 -2.99
CA ALA B 93 -23.96 -8.50 -3.89
C ALA B 93 -25.04 -7.45 -3.65
N LYS B 94 -26.28 -7.88 -3.43
CA LYS B 94 -27.36 -6.93 -3.14
C LYS B 94 -27.09 -6.18 -1.85
N ARG B 95 -26.56 -6.86 -0.84
CA ARG B 95 -26.25 -6.20 0.43
C ARG B 95 -25.17 -5.13 0.25
N LEU B 96 -24.08 -5.49 -0.43
CA LEU B 96 -23.05 -4.49 -0.73
C LEU B 96 -23.63 -3.32 -1.52
N SER B 97 -24.50 -3.60 -2.48
CA SER B 97 -25.12 -2.53 -3.26
C SER B 97 -25.95 -1.60 -2.38
N ARG B 98 -26.72 -2.17 -1.45
CA ARG B 98 -27.52 -1.35 -0.55
C ARG B 98 -26.62 -0.43 0.28
N GLU B 99 -25.52 -0.97 0.82
CA GLU B 99 -24.64 -0.12 1.61
C GLU B 99 -24.00 0.98 0.76
N LEU B 100 -23.52 0.62 -0.45
CA LEU B 100 -22.91 1.62 -1.32
C LEU B 100 -23.92 2.73 -1.67
N ASN B 101 -25.17 2.36 -1.91
CA ASN B 101 -26.18 3.36 -2.19
C ASN B 101 -26.50 4.20 -0.95
N LEU B 102 -26.41 3.59 0.23
CA LEU B 102 -26.56 4.35 1.47
C LEU B 102 -25.45 5.37 1.65
N GLU B 103 -24.28 5.15 1.06
CA GLU B 103 -23.20 6.13 1.10
C GLU B 103 -23.09 6.94 -0.19
N ASN B 104 -24.13 6.94 -1.02
CA ASN B 104 -24.20 7.76 -2.23
C ASN B 104 -23.02 7.48 -3.17
N ILE B 105 -22.73 6.20 -3.37
CA ILE B 105 -21.68 5.76 -4.27
C ILE B 105 -22.33 5.04 -5.44
N THR B 106 -22.24 5.65 -6.63
CA THR B 106 -22.81 5.06 -7.84
C THR B 106 -21.96 3.88 -8.28
N HIS B 107 -22.58 2.71 -8.40
CA HIS B 107 -21.90 1.46 -8.69
C HIS B 107 -22.68 0.68 -9.74
N TYR B 108 -22.01 -0.31 -10.35
CA TYR B 108 -22.62 -1.04 -11.45
C TYR B 108 -22.23 -2.52 -11.40
N PHE B 109 -23.18 -3.39 -11.75
CA PHE B 109 -22.99 -4.83 -11.66
C PHE B 109 -22.52 -5.43 -12.98
N GLU B 110 -21.68 -6.45 -12.90
CA GLU B 110 -21.21 -7.14 -14.09
C GLU B 110 -20.98 -8.62 -13.83
N PHE B 111 -21.49 -9.46 -14.71
CA PHE B 111 -21.15 -10.88 -14.72
C PHE B 111 -19.75 -11.04 -15.29
N THR B 112 -18.87 -11.69 -14.53
CA THR B 112 -17.47 -11.81 -14.92
C THR B 112 -17.21 -12.95 -15.88
N GLY B 113 -18.25 -13.64 -16.35
CA GLY B 113 -18.04 -14.81 -17.16
C GLY B 113 -17.76 -16.08 -16.39
N ASN B 114 -17.47 -15.98 -15.09
CA ASN B 114 -17.04 -17.15 -14.33
C ASN B 114 -17.35 -16.96 -12.85
N ARG B 115 -18.27 -17.79 -12.34
CA ARG B 115 -18.55 -17.98 -10.91
C ARG B 115 -18.69 -16.69 -10.09
N GLY B 116 -19.28 -15.63 -10.65
CA GLY B 116 -19.54 -14.53 -9.74
C GLY B 116 -19.82 -13.22 -10.46
N TYR B 117 -19.56 -12.13 -9.73
CA TYR B 117 -19.93 -10.79 -10.16
C TYR B 117 -18.89 -9.77 -9.72
N HIS B 118 -18.91 -8.63 -10.41
CA HIS B 118 -18.08 -7.47 -10.13
C HIS B 118 -18.99 -6.29 -9.84
N ILE B 119 -18.69 -5.55 -8.79
CA ILE B 119 -19.33 -4.26 -8.50
C ILE B 119 -18.30 -3.19 -8.81
N TRP B 120 -18.53 -2.42 -9.87
CA TRP B 120 -17.60 -1.40 -10.34
C TRP B 120 -17.99 -0.04 -9.78
N ILE B 121 -16.98 0.69 -9.30
CA ILE B 121 -17.11 2.06 -8.82
C ILE B 121 -16.16 2.92 -9.63
N PHE B 122 -16.67 4.02 -10.19
CA PHE B 122 -15.87 4.91 -11.02
C PHE B 122 -15.79 6.30 -10.39
N PHE B 123 -14.69 7.00 -10.70
CA PHE B 123 -14.44 8.32 -10.17
C PHE B 123 -14.14 9.28 -11.33
N ASP B 124 -14.47 10.56 -11.12
CA ASP B 124 -14.21 11.56 -12.16
C ASP B 124 -12.72 11.82 -12.31
N ILE B 125 -12.00 11.96 -11.20
CA ILE B 125 -10.55 12.05 -11.22
C ILE B 125 -10.00 11.02 -10.25
N PRO B 126 -8.75 10.58 -10.45
CA PRO B 126 -8.18 9.55 -9.58
C PRO B 126 -8.24 9.92 -8.10
N VAL B 127 -8.58 8.94 -7.28
CA VAL B 127 -8.63 9.08 -5.83
C VAL B 127 -7.55 8.20 -5.22
N SER B 128 -7.10 8.58 -4.02
CA SER B 128 -6.08 7.82 -3.32
C SER B 128 -6.54 6.39 -3.07
N ALA B 129 -5.66 5.43 -3.34
CA ALA B 129 -6.03 4.03 -3.21
C ALA B 129 -6.30 3.64 -1.76
N TYR B 130 -5.53 4.21 -0.82
CA TYR B 130 -5.77 3.89 0.59
C TYR B 130 -7.16 4.34 1.03
N LYS B 131 -7.57 5.54 0.64
CA LYS B 131 -8.85 6.07 1.07
C LYS B 131 -10.01 5.22 0.55
N ILE B 132 -9.97 4.87 -0.73
CA ILE B 132 -11.06 4.08 -1.30
C ILE B 132 -11.04 2.67 -0.74
N LYS B 133 -9.85 2.12 -0.49
CA LYS B 133 -9.77 0.82 0.17
C LYS B 133 -10.38 0.88 1.57
N TYR B 134 -10.07 1.93 2.33
CA TYR B 134 -10.63 2.09 3.67
C TYR B 134 -12.15 2.14 3.61
N ILE B 135 -12.69 2.99 2.73
CA ILE B 135 -14.15 3.10 2.57
C ILE B 135 -14.75 1.74 2.26
N MET B 136 -14.15 1.02 1.30
CA MET B 136 -14.72 -0.24 0.85
C MET B 136 -14.62 -1.31 1.93
N GLU B 137 -13.53 -1.32 2.69
CA GLU B 137 -13.40 -2.31 3.75
C GLU B 137 -14.38 -2.05 4.88
N LYS B 138 -14.64 -0.78 5.20
CA LYS B 138 -15.68 -0.50 6.20
C LYS B 138 -17.05 -0.92 5.70
N ILE B 139 -17.36 -0.60 4.43
CA ILE B 139 -18.64 -0.98 3.86
C ILE B 139 -18.81 -2.50 3.89
N LEU B 140 -17.73 -3.23 3.60
CA LEU B 140 -17.78 -4.69 3.66
C LEU B 140 -17.96 -5.17 5.10
N ASP B 141 -17.33 -4.49 6.06
CA ASP B 141 -17.50 -4.84 7.47
C ASP B 141 -18.93 -4.63 7.94
N ARG B 142 -19.70 -3.79 7.24
CA ARG B 142 -21.08 -3.56 7.65
C ARG B 142 -22.01 -4.71 7.28
N ILE B 143 -21.70 -5.46 6.22
CA ILE B 143 -22.62 -6.46 5.70
C ILE B 143 -22.29 -7.83 6.27
N GLU B 144 -23.28 -8.71 6.23
CA GLU B 144 -23.12 -10.12 6.59
C GLU B 144 -23.02 -10.96 5.32
N LEU B 145 -22.09 -11.92 5.32
CA LEU B 145 -21.84 -12.77 4.17
C LEU B 145 -22.66 -14.06 4.22
N GLU B 146 -22.64 -14.80 3.12
CA GLU B 146 -23.33 -16.06 2.99
C GLU B 146 -22.32 -17.19 2.78
N GLU B 147 -22.80 -18.43 2.94
CA GLU B 147 -21.93 -19.60 2.90
C GLU B 147 -21.37 -19.81 1.49
N GLY B 148 -20.05 -19.98 1.40
CA GLY B 148 -19.39 -20.31 0.16
C GLY B 148 -19.05 -19.15 -0.75
N ILE B 149 -19.28 -17.90 -0.32
CA ILE B 149 -19.04 -16.72 -1.15
C ILE B 149 -17.89 -15.94 -0.54
N ASP B 150 -16.92 -15.57 -1.38
CA ASP B 150 -15.78 -14.76 -0.96
C ASP B 150 -15.80 -13.44 -1.72
N VAL B 151 -15.65 -12.33 -0.99
CA VAL B 151 -15.64 -11.00 -1.57
C VAL B 151 -14.24 -10.42 -1.41
N GLU B 152 -13.66 -9.97 -2.53
CA GLU B 152 -12.35 -9.33 -2.56
C GLU B 152 -12.50 -7.86 -2.98
N ILE B 153 -11.56 -7.04 -2.57
CA ILE B 153 -11.59 -5.60 -2.83
C ILE B 153 -10.41 -5.22 -3.70
N PHE B 154 -10.67 -4.68 -4.88
CA PHE B 154 -9.64 -4.08 -5.71
C PHE B 154 -9.76 -2.57 -5.65
N PRO B 155 -8.67 -1.85 -5.33
CA PRO B 155 -7.32 -2.38 -5.16
C PRO B 155 -7.05 -3.00 -3.78
N LYS B 156 -6.26 -4.06 -3.77
CA LYS B 156 -5.81 -4.66 -2.52
C LYS B 156 -4.53 -4.00 -2.01
N GLN B 157 -3.65 -3.59 -2.92
CA GLN B 157 -2.44 -2.85 -2.59
C GLN B 157 -2.72 -1.35 -2.63
N THR B 158 -2.06 -0.64 -1.72
CA THR B 158 -2.22 0.81 -1.59
C THR B 158 -1.04 1.57 -2.15
N SER B 159 0.15 0.96 -2.15
CA SER B 159 1.35 1.55 -2.71
C SER B 159 2.01 0.56 -3.65
N LEU B 160 2.70 1.06 -4.67
CA LEU B 160 3.32 0.18 -5.64
C LEU B 160 4.65 -0.35 -5.12
N ASN B 161 5.62 0.54 -4.91
CA ASN B 161 6.92 0.18 -4.31
C ASN B 161 7.64 -0.89 -5.13
N GLY B 162 7.82 -0.63 -6.41
CA GLY B 162 8.64 -1.49 -7.25
C GLY B 162 7.90 -2.57 -7.99
N GLY B 163 6.60 -2.77 -7.73
CA GLY B 163 5.83 -3.78 -8.42
C GLY B 163 4.72 -3.18 -9.26
N LEU B 164 3.97 -4.07 -9.90
CA LEU B 164 2.87 -3.65 -10.76
C LEU B 164 1.56 -3.46 -10.00
N GLY B 165 1.35 -4.22 -8.93
CA GLY B 165 0.10 -4.16 -8.22
C GLY B 165 -0.83 -5.28 -8.62
N ASN B 166 -2.11 -5.04 -8.37
CA ASN B 166 -3.14 -6.02 -8.67
C ASN B 166 -3.82 -5.65 -9.99
N LEU B 167 -4.32 -6.66 -10.69
CA LEU B 167 -4.99 -6.46 -11.96
C LEU B 167 -6.39 -7.06 -11.90
N ILE B 168 -7.25 -6.59 -12.79
CA ILE B 168 -8.63 -7.07 -12.85
C ILE B 168 -9.07 -7.16 -14.29
N LYS B 169 -9.84 -8.21 -14.61
CA LYS B 169 -10.39 -8.36 -15.95
C LYS B 169 -11.55 -7.39 -16.13
N VAL B 170 -11.47 -6.56 -17.17
CA VAL B 170 -12.47 -5.53 -17.42
C VAL B 170 -13.63 -6.13 -18.22
N PRO B 171 -14.83 -5.54 -18.16
CA PRO B 171 -15.99 -6.15 -18.82
C PRO B 171 -15.95 -6.05 -20.34
N LEU B 172 -17.02 -6.51 -20.98
CA LEU B 172 -17.19 -6.48 -22.43
C LEU B 172 -16.14 -7.33 -23.13
N GLY B 173 -15.67 -8.37 -22.46
CA GLY B 173 -14.79 -9.35 -23.06
C GLY B 173 -15.32 -10.76 -22.82
N VAL B 174 -14.54 -11.77 -23.17
CA VAL B 174 -14.90 -13.16 -22.94
C VAL B 174 -13.92 -13.76 -21.95
N HIS B 175 -14.43 -14.63 -21.08
CA HIS B 175 -13.59 -15.30 -20.09
C HIS B 175 -13.00 -16.55 -20.73
N LYS B 176 -11.68 -16.56 -20.91
CA LYS B 176 -11.04 -17.65 -21.66
C LYS B 176 -11.24 -19.00 -20.97
N LYS B 177 -11.37 -19.01 -19.65
CA LYS B 177 -11.51 -20.28 -18.94
C LYS B 177 -12.86 -20.93 -19.19
N THR B 178 -13.90 -20.13 -19.48
CA THR B 178 -15.24 -20.65 -19.68
C THR B 178 -15.87 -20.27 -21.01
N GLY B 179 -15.35 -19.25 -21.70
CA GLY B 179 -15.92 -18.81 -22.95
C GLY B 179 -17.09 -17.85 -22.84
N LYS B 180 -17.71 -17.75 -21.66
CA LYS B 180 -18.81 -16.82 -21.46
C LYS B 180 -18.29 -15.39 -21.40
N LYS B 181 -19.15 -14.44 -21.79
CA LYS B 181 -18.76 -13.06 -21.92
C LYS B 181 -18.91 -12.29 -20.60
N CYS B 182 -18.04 -11.31 -20.40
CA CYS B 182 -18.06 -10.45 -19.22
C CYS B 182 -19.00 -9.28 -19.53
N LEU B 183 -20.22 -9.33 -19.00
CA LEU B 183 -21.27 -8.41 -19.44
C LEU B 183 -21.91 -7.69 -18.26
N PHE B 184 -22.41 -6.49 -18.51
CA PHE B 184 -23.08 -5.74 -17.45
C PHE B 184 -24.48 -6.31 -17.19
N VAL B 185 -24.88 -6.29 -15.92
CA VAL B 185 -26.21 -6.75 -15.52
C VAL B 185 -26.87 -5.67 -14.67
N ASP B 186 -28.19 -5.81 -14.50
CA ASP B 186 -28.98 -4.82 -13.77
C ASP B 186 -29.09 -5.21 -12.30
N ASN B 187 -30.02 -4.57 -11.59
CA ASN B 187 -30.20 -4.88 -10.17
C ASN B 187 -30.79 -6.27 -9.97
N ASP B 188 -31.52 -6.77 -10.97
CA ASP B 188 -32.07 -8.12 -10.92
C ASP B 188 -31.13 -9.14 -11.53
N PHE B 189 -29.88 -8.75 -11.80
CA PHE B 189 -28.85 -9.64 -12.34
C PHE B 189 -29.28 -10.22 -13.69
N ASN B 190 -29.88 -9.38 -14.52
CA ASN B 190 -30.28 -9.73 -15.87
C ASN B 190 -29.41 -8.99 -16.88
N VAL B 191 -29.12 -9.65 -18.01
CA VAL B 191 -28.22 -9.08 -18.99
C VAL B 191 -28.83 -7.81 -19.58
N ILE B 192 -28.05 -6.74 -19.62
CA ILE B 192 -28.47 -5.48 -20.21
C ILE B 192 -28.38 -5.57 -21.73
N GLU B 193 -29.40 -5.09 -22.41
CA GLU B 193 -29.32 -4.98 -23.86
C GLU B 193 -28.61 -3.68 -24.26
N ASN B 194 -27.87 -3.75 -25.37
CA ASN B 194 -27.08 -2.63 -25.86
C ASN B 194 -26.14 -2.11 -24.77
N GLN B 195 -25.13 -2.94 -24.47
CA GLN B 195 -24.20 -2.63 -23.39
C GLN B 195 -23.32 -1.42 -23.71
N ILE B 196 -23.33 -0.94 -24.96
CA ILE B 196 -22.53 0.23 -25.31
C ILE B 196 -23.21 1.51 -24.82
N GLU B 197 -24.53 1.61 -24.95
CA GLU B 197 -25.22 2.77 -24.39
C GLU B 197 -25.21 2.73 -22.87
N PHE B 198 -25.21 1.53 -22.28
CA PHE B 198 -25.00 1.43 -20.83
C PHE B 198 -23.62 1.97 -20.46
N LEU B 199 -22.59 1.55 -21.19
CA LEU B 199 -21.25 2.09 -20.99
C LEU B 199 -21.22 3.61 -21.12
N ASN B 200 -21.98 4.15 -22.06
CA ASN B 200 -22.01 5.60 -22.28
C ASN B 200 -22.83 6.34 -21.24
N ASN B 201 -23.74 5.66 -20.54
CA ASN B 201 -24.55 6.27 -19.51
C ASN B 201 -24.03 6.00 -18.10
N ILE B 202 -22.84 5.40 -17.98
CA ILE B 202 -22.23 5.20 -16.67
C ILE B 202 -21.80 6.53 -16.10
N LYS B 203 -22.14 6.77 -14.83
CA LYS B 203 -21.85 8.01 -14.14
C LYS B 203 -20.77 7.77 -13.09
N GLU B 204 -19.78 8.65 -13.05
CA GLU B 204 -18.66 8.53 -12.12
C GLU B 204 -18.93 9.33 -10.85
N ASN B 205 -18.36 8.86 -9.74
CA ASN B 205 -18.49 9.54 -8.46
C ASN B 205 -17.52 10.72 -8.41
N LYS B 206 -17.84 11.69 -7.57
CA LYS B 206 -17.02 12.88 -7.41
C LYS B 206 -15.92 12.61 -6.39
N ALA B 207 -14.67 12.88 -6.77
CA ALA B 207 -13.55 12.63 -5.88
C ALA B 207 -13.65 13.47 -4.61
N THR B 208 -14.23 14.67 -4.70
CA THR B 208 -14.42 15.49 -3.52
C THR B 208 -15.34 14.80 -2.52
N GLU B 209 -16.44 14.20 -3.01
CA GLU B 209 -17.36 13.53 -2.11
C GLU B 209 -16.76 12.24 -1.56
N ILE B 210 -15.91 11.56 -2.34
CA ILE B 210 -15.24 10.37 -1.83
C ILE B 210 -14.24 10.73 -0.73
N ASN B 211 -13.52 11.85 -0.90
CA ASN B 211 -12.61 12.29 0.14
C ASN B 211 -13.36 12.74 1.39
N LYS B 212 -14.50 13.43 1.21
CA LYS B 212 -15.31 13.81 2.36
C LYS B 212 -15.83 12.58 3.10
N LEU B 213 -16.26 11.56 2.35
CA LEU B 213 -16.73 10.33 2.98
C LEU B 213 -15.60 9.62 3.70
N PHE B 214 -14.40 9.61 3.12
CA PHE B 214 -13.24 9.05 3.81
C PHE B 214 -12.98 9.78 5.12
N ARG B 215 -12.96 11.11 5.08
CA ARG B 215 -12.75 11.90 6.29
C ARG B 215 -13.79 11.55 7.35
N GLU B 216 -15.06 11.45 6.94
CA GLU B 216 -16.13 11.14 7.88
C GLU B 216 -15.94 9.75 8.49
N ILE B 217 -15.69 8.74 7.65
CA ILE B 217 -15.57 7.37 8.15
C ILE B 217 -14.30 7.18 8.96
N PHE B 218 -13.22 7.89 8.60
CA PHE B 218 -11.97 7.71 9.32
C PHE B 218 -12.05 8.32 10.72
N ASN B 219 -12.67 9.50 10.83
CA ASN B 219 -12.82 10.17 12.11
C ASN B 219 -13.83 9.48 13.02
N GLU B 220 -14.64 8.57 12.49
CA GLU B 220 -15.64 7.87 13.28
C GLU B 220 -15.21 6.46 13.69
N ASN B 221 -14.04 6.02 13.21
CA ASN B 221 -13.40 4.80 13.71
C ASN B 221 -12.15 5.11 14.52
N ASP B 222 -11.96 6.37 14.91
CA ASP B 222 -10.77 6.80 15.62
C ASP B 222 -11.07 7.08 17.08
#